data_4ZXK
#
_entry.id   4ZXK
#
_cell.length_a   39.234
_cell.length_b   66.984
_cell.length_c   66.792
_cell.angle_alpha   90.000
_cell.angle_beta   92.430
_cell.angle_gamma   90.000
#
_symmetry.space_group_name_H-M   'P 1 21 1'
#
loop_
_entity.id
_entity.type
_entity.pdbx_description
1 polymer 'Sialidase A'
2 water water
#
_entity_poly.entity_id   1
_entity_poly.type   'polypeptide(L)'
_entity_poly.pdbx_seq_one_letter_code
;GAMVIEKEDVETNASNGQRVDLSSELDKLKKLENATVHMEFKPDAKAPAFYNLFSVSSATKKDEYFTMAVYNNTATLEGR
GSDGKQFYNNYNDAPLKVKPGQWNSVTFTVEKPTAELPKGRVRLYVNGVLSRTSLRSGNFIKDMPDVTHVQIGATKRANN
TVWGSNLQIRNLTVYNRALTPEEVQKRS
;
_entity_poly.pdbx_strand_id   A,B
#
# COMPACT_ATOMS: atom_id res chain seq x y z
N GLY A 1 16.57 16.05 15.51
CA GLY A 1 15.80 15.29 14.51
C GLY A 1 16.63 14.22 13.83
N ALA A 2 15.95 13.31 13.17
CA ALA A 2 16.55 12.19 12.56
C ALA A 2 17.01 12.49 11.14
N MET A 3 16.58 13.64 10.55
CA MET A 3 16.99 13.97 9.16
C MET A 3 18.50 14.30 9.10
N VAL A 4 19.24 13.66 8.19
CA VAL A 4 20.67 13.97 8.13
C VAL A 4 21.12 14.54 6.78
N ILE A 5 20.34 14.30 5.71
CA ILE A 5 20.59 14.82 4.34
C ILE A 5 19.25 15.27 3.80
N GLU A 6 19.20 16.47 3.25
CA GLU A 6 17.98 16.98 2.61
C GLU A 6 18.32 17.78 1.35
N LYS A 7 17.73 17.44 0.22
CA LYS A 7 17.95 18.19 -0.99
C LYS A 7 16.58 18.46 -1.61
N GLU A 8 16.37 19.63 -2.19
CA GLU A 8 15.07 19.91 -2.76
C GLU A 8 15.18 20.60 -4.11
N ASP A 9 14.18 20.39 -4.96
CA ASP A 9 13.98 21.09 -6.23
C ASP A 9 15.23 21.09 -7.13
N VAL A 10 15.82 19.91 -7.28
CA VAL A 10 16.87 19.64 -8.25
C VAL A 10 16.39 18.81 -9.43
N GLU A 11 17.23 18.71 -10.46
CA GLU A 11 16.87 18.04 -11.67
C GLU A 11 18.11 17.31 -12.30
N THR A 12 17.90 16.14 -12.87
CA THR A 12 18.97 15.57 -13.72
C THR A 12 18.57 15.77 -15.19
N ASN A 13 19.53 16.19 -16.01
CA ASN A 13 19.26 16.39 -17.44
C ASN A 13 20.52 16.40 -18.27
N ALA A 14 20.41 16.70 -19.57
CA ALA A 14 21.63 16.65 -20.44
C ALA A 14 22.71 17.64 -20.03
N SER A 15 22.36 18.69 -19.33
CA SER A 15 23.36 19.69 -18.97
C SER A 15 24.23 19.30 -17.75
N ASN A 16 23.80 18.36 -16.93
CA ASN A 16 24.62 17.94 -15.78
C ASN A 16 24.96 16.45 -15.86
N GLY A 17 24.99 15.90 -17.08
CA GLY A 17 25.31 14.45 -17.25
C GLY A 17 24.23 13.57 -16.59
N GLN A 18 23.02 14.11 -16.43
CA GLN A 18 21.86 13.42 -15.79
C GLN A 18 22.22 12.95 -14.38
N ARG A 19 22.90 13.81 -13.65
CA ARG A 19 23.40 13.44 -12.34
C ARG A 19 23.34 14.64 -11.43
N VAL A 20 22.99 14.40 -10.17
CA VAL A 20 23.23 15.44 -9.16
C VAL A 20 24.18 14.79 -8.12
N ASP A 21 25.37 15.32 -7.98
CA ASP A 21 26.31 14.71 -7.07
C ASP A 21 26.05 15.13 -5.63
N LEU A 22 26.15 14.20 -4.66
CA LEU A 22 25.93 14.53 -3.24
C LEU A 22 27.05 13.94 -2.44
N SER A 23 28.26 13.86 -3.03
CA SER A 23 29.32 13.03 -2.43
C SER A 23 29.89 13.62 -1.14
N SER A 24 29.74 14.94 -0.92
CA SER A 24 30.21 15.54 0.31
C SER A 24 29.45 14.99 1.50
N GLU A 25 28.29 14.37 1.24
CA GLU A 25 27.45 13.77 2.27
C GLU A 25 27.78 12.35 2.59
N LEU A 26 28.80 11.81 1.95
CA LEU A 26 29.06 10.40 2.14
C LEU A 26 29.34 10.07 3.64
N ASP A 27 30.09 10.94 4.33
CA ASP A 27 30.51 10.61 5.71
C ASP A 27 29.35 10.41 6.67
N LYS A 28 28.28 11.13 6.42
CA LYS A 28 27.01 10.90 7.11
C LYS A 28 26.31 9.54 6.88
N LEU A 29 26.46 8.96 5.69
CA LEU A 29 25.87 7.67 5.36
C LEU A 29 26.71 6.48 5.84
N LYS A 30 28.05 6.65 5.88
CA LYS A 30 28.95 5.53 6.09
C LYS A 30 28.79 4.88 7.41
N LYS A 31 28.32 5.60 8.43
CA LYS A 31 28.20 4.92 9.72
C LYS A 31 26.75 4.67 10.14
N LEU A 32 25.78 4.98 9.26
CA LEU A 32 24.37 4.71 9.57
C LEU A 32 24.13 3.22 9.79
N GLU A 33 23.35 2.89 10.83
CA GLU A 33 22.96 1.52 11.09
C GLU A 33 21.47 1.31 10.78
N ASN A 34 20.62 2.24 11.22
CA ASN A 34 19.21 2.27 10.78
C ASN A 34 19.07 3.53 9.92
N ALA A 35 18.28 3.45 8.86
CA ALA A 35 18.15 4.61 7.97
C ALA A 35 16.85 4.59 7.19
N THR A 36 16.47 5.78 6.70
CA THR A 36 15.41 5.87 5.69
C THR A 36 15.91 6.74 4.55
N VAL A 37 15.65 6.34 3.30
CA VAL A 37 15.92 7.21 2.15
C VAL A 37 14.58 7.38 1.47
N HIS A 38 14.16 8.65 1.34
CA HIS A 38 12.87 8.94 0.74
C HIS A 38 13.08 9.92 -0.41
N MET A 39 12.47 9.64 -1.55
CA MET A 39 12.58 10.57 -2.66
C MET A 39 11.25 10.80 -3.35
N GLU A 40 10.92 12.08 -3.63
N GLU A 40 10.96 12.07 -3.67
CA GLU A 40 9.70 12.41 -4.42
CA GLU A 40 9.72 12.43 -4.40
C GLU A 40 10.17 13.01 -5.77
C GLU A 40 10.17 13.03 -5.76
N PHE A 41 9.76 12.38 -6.87
CA PHE A 41 10.38 12.66 -8.20
C PHE A 41 9.36 12.39 -9.29
N LYS A 42 9.63 13.00 -10.43
CA LYS A 42 8.86 12.75 -11.63
C LYS A 42 9.87 12.30 -12.70
N PRO A 43 9.81 11.00 -13.09
CA PRO A 43 10.70 10.50 -14.13
C PRO A 43 10.17 10.86 -15.51
N ASP A 44 11.08 11.00 -16.46
CA ASP A 44 10.75 11.30 -17.85
C ASP A 44 9.80 10.17 -18.36
N ALA A 45 8.74 10.54 -19.11
CA ALA A 45 7.86 9.55 -19.76
C ALA A 45 8.66 8.61 -20.68
N LYS A 46 9.75 9.15 -21.22
CA LYS A 46 10.66 8.45 -22.13
C LYS A 46 11.89 7.82 -21.43
N ALA A 47 11.86 7.71 -20.10
CA ALA A 47 13.00 7.16 -19.35
C ALA A 47 13.36 5.76 -19.86
N PRO A 48 14.66 5.40 -19.83
CA PRO A 48 15.03 4.01 -20.18
C PRO A 48 14.41 2.95 -19.22
N ALA A 49 14.47 1.68 -19.66
CA ALA A 49 13.92 0.57 -18.83
C ALA A 49 14.59 0.43 -17.48
N PHE A 50 15.89 0.73 -17.36
CA PHE A 50 16.57 0.73 -16.07
C PHE A 50 17.13 2.12 -15.79
N TYR A 51 16.80 2.71 -14.61
CA TYR A 51 17.48 3.96 -14.22
C TYR A 51 17.57 4.07 -12.74
N ASN A 52 18.58 4.77 -12.30
CA ASN A 52 18.84 4.94 -10.86
C ASN A 52 18.08 6.12 -10.29
N LEU A 53 17.58 5.97 -9.07
CA LEU A 53 17.03 7.15 -8.38
C LEU A 53 18.12 7.70 -7.45
N PHE A 54 18.62 6.86 -6.54
CA PHE A 54 19.60 7.30 -5.56
C PHE A 54 20.60 6.13 -5.33
N SER A 55 21.89 6.43 -5.42
CA SER A 55 22.89 5.40 -5.26
C SER A 55 24.11 5.92 -4.47
N VAL A 56 24.79 4.96 -3.90
CA VAL A 56 26.08 5.18 -3.28
C VAL A 56 27.01 4.19 -4.02
N SER A 57 28.12 4.66 -4.56
CA SER A 57 28.85 3.79 -5.47
C SER A 57 30.33 4.03 -5.25
N SER A 58 31.11 3.37 -6.12
CA SER A 58 32.57 3.35 -5.95
C SER A 58 33.33 3.52 -7.27
N ALA A 59 34.22 4.52 -7.29
CA ALA A 59 35.07 4.79 -8.44
C ALA A 59 36.23 3.77 -8.43
N THR A 60 36.42 3.00 -7.37
CA THR A 60 37.48 1.98 -7.32
C THR A 60 37.00 0.53 -7.53
N LYS A 61 35.75 0.23 -7.18
CA LYS A 61 35.23 -1.13 -7.29
C LYS A 61 33.89 -1.06 -8.07
N LYS A 62 33.85 -1.53 -9.32
CA LYS A 62 32.66 -1.26 -10.19
C LYS A 62 31.41 -2.06 -9.73
N ASP A 63 31.64 -3.14 -8.97
CA ASP A 63 30.55 -4.02 -8.56
C ASP A 63 30.13 -3.82 -7.09
N GLU A 64 30.53 -2.71 -6.50
CA GLU A 64 30.17 -2.46 -5.09
C GLU A 64 29.34 -1.18 -5.08
N TYR A 65 28.05 -1.28 -4.81
CA TYR A 65 27.19 -0.10 -4.84
C TYR A 65 25.85 -0.42 -4.15
N PHE A 66 25.15 0.65 -3.80
CA PHE A 66 23.79 0.53 -3.28
C PHE A 66 22.96 1.37 -4.23
N THR A 67 21.83 0.83 -4.71
CA THR A 67 21.00 1.66 -5.56
C THR A 67 19.51 1.44 -5.30
N MET A 68 18.74 2.53 -5.19
CA MET A 68 17.28 2.44 -5.36
C MET A 68 17.05 2.82 -6.81
N ALA A 69 16.40 1.93 -7.61
CA ALA A 69 16.35 2.11 -9.06
C ALA A 69 14.93 1.78 -9.50
N VAL A 70 14.69 1.94 -10.79
CA VAL A 70 13.39 1.64 -11.36
C VAL A 70 13.69 0.79 -12.59
N TYR A 71 13.02 -0.36 -12.70
CA TYR A 71 13.42 -1.35 -13.70
C TYR A 71 12.14 -1.82 -14.32
N ASN A 72 11.91 -1.48 -15.60
CA ASN A 72 10.58 -1.77 -16.26
C ASN A 72 9.38 -1.24 -15.42
N ASN A 73 9.53 -0.02 -14.91
CA ASN A 73 8.62 0.69 -14.02
C ASN A 73 8.52 0.16 -12.61
N THR A 74 9.16 -0.99 -12.33
CA THR A 74 9.16 -1.57 -10.99
C THR A 74 10.21 -0.90 -10.11
N ALA A 75 9.78 -0.41 -8.96
CA ALA A 75 10.77 0.17 -8.02
C ALA A 75 11.58 -1.01 -7.46
N THR A 76 12.90 -0.95 -7.63
CA THR A 76 13.76 -2.04 -7.20
C THR A 76 14.96 -1.53 -6.33
N LEU A 77 15.82 -2.46 -5.90
CA LEU A 77 16.81 -2.17 -4.88
C LEU A 77 17.93 -3.19 -5.05
N GLU A 78 19.18 -2.76 -4.97
CA GLU A 78 20.31 -3.68 -4.97
C GLU A 78 21.39 -3.15 -4.03
N GLY A 79 22.00 -4.02 -3.25
CA GLY A 79 23.17 -3.62 -2.43
C GLY A 79 24.22 -4.68 -2.64
N ARG A 80 25.43 -4.28 -2.97
CA ARG A 80 26.45 -5.29 -3.25
C ARG A 80 27.71 -4.86 -2.55
N GLY A 81 28.41 -5.83 -1.96
CA GLY A 81 29.56 -5.49 -1.10
C GLY A 81 30.87 -5.60 -1.89
N SER A 82 31.97 -5.69 -1.16
CA SER A 82 33.28 -5.69 -1.78
C SER A 82 33.52 -6.97 -2.64
N ASP A 83 32.75 -8.04 -2.32
CA ASP A 83 32.82 -9.31 -3.05
C ASP A 83 31.79 -9.36 -4.19
N GLY A 84 31.06 -8.27 -4.40
CA GLY A 84 30.05 -8.12 -5.47
C GLY A 84 28.76 -8.86 -5.19
N LYS A 85 28.65 -9.47 -4.01
CA LYS A 85 27.50 -10.37 -3.70
C LYS A 85 26.34 -9.55 -3.15
N GLN A 86 25.13 -10.06 -3.35
CA GLN A 86 23.90 -9.32 -2.97
C GLN A 86 23.66 -9.24 -1.48
N PHE A 87 23.27 -8.06 -1.02
CA PHE A 87 22.92 -7.86 0.39
C PHE A 87 21.48 -8.29 0.66
N TYR A 88 20.60 -8.06 -0.29
CA TYR A 88 19.17 -8.21 -0.06
C TYR A 88 18.56 -9.26 -0.97
N ASN A 89 17.30 -9.63 -0.68
CA ASN A 89 16.55 -10.47 -1.58
C ASN A 89 16.32 -9.74 -2.88
N ASN A 90 16.01 -10.48 -3.95
CA ASN A 90 15.68 -9.82 -5.23
C ASN A 90 14.44 -8.89 -5.14
N TYR A 91 14.56 -7.69 -5.71
CA TYR A 91 13.44 -6.75 -5.81
C TYR A 91 13.02 -6.54 -7.22
N ASN A 92 13.71 -7.18 -8.18
CA ASN A 92 13.40 -6.89 -9.59
C ASN A 92 11.99 -7.25 -10.03
N ASP A 93 11.40 -8.24 -9.39
CA ASP A 93 9.98 -8.52 -9.63
C ASP A 93 9.05 -8.13 -8.44
N ALA A 94 9.48 -7.18 -7.65
CA ALA A 94 8.59 -6.64 -6.58
C ALA A 94 7.35 -6.02 -7.18
N PRO A 95 6.30 -5.91 -6.36
CA PRO A 95 5.00 -5.73 -7.03
C PRO A 95 4.70 -4.34 -7.51
N LEU A 96 5.19 -3.36 -6.77
CA LEU A 96 4.65 -1.95 -6.98
C LEU A 96 5.44 -1.22 -8.05
N LYS A 97 4.73 -0.49 -8.91
CA LYS A 97 5.32 0.19 -10.04
C LYS A 97 5.20 1.69 -9.87
N VAL A 98 6.10 2.41 -10.52
CA VAL A 98 5.98 3.88 -10.49
C VAL A 98 5.11 4.32 -11.67
N LYS A 99 4.48 5.50 -11.57
CA LYS A 99 3.71 6.04 -12.71
C LYS A 99 4.68 6.84 -13.62
N PRO A 100 5.01 6.32 -14.84
CA PRO A 100 5.91 7.06 -15.74
C PRO A 100 5.42 8.50 -16.07
N GLY A 101 6.33 9.47 -16.06
CA GLY A 101 5.97 10.89 -16.42
C GLY A 101 5.04 11.57 -15.40
N GLN A 102 4.84 10.96 -14.21
CA GLN A 102 3.95 11.58 -13.22
C GLN A 102 4.72 11.61 -11.89
N TRP A 103 4.24 12.40 -10.93
CA TRP A 103 4.96 12.51 -9.60
C TRP A 103 4.75 11.20 -8.86
N ASN A 104 5.82 10.71 -8.23
CA ASN A 104 5.78 9.50 -7.41
C ASN A 104 6.66 9.72 -6.17
N SER A 105 6.52 8.84 -5.18
CA SER A 105 7.58 8.72 -4.16
C SER A 105 8.07 7.28 -4.11
N VAL A 106 9.28 7.08 -3.66
CA VAL A 106 9.83 5.76 -3.35
C VAL A 106 10.58 5.95 -2.01
N THR A 107 10.43 4.99 -1.11
CA THR A 107 11.08 5.07 0.22
C THR A 107 11.69 3.76 0.52
N PHE A 108 12.95 3.82 0.99
CA PHE A 108 13.73 2.62 1.35
C PHE A 108 14.00 2.76 2.89
N THR A 109 13.84 1.66 3.63
CA THR A 109 14.27 1.67 5.04
C THR A 109 15.19 0.49 5.26
N VAL A 110 16.14 0.66 6.17
CA VAL A 110 17.02 -0.45 6.61
C VAL A 110 17.07 -0.42 8.13
N GLU A 111 16.93 -1.62 8.73
CA GLU A 111 17.03 -1.85 10.17
C GLU A 111 18.15 -2.83 10.40
N LYS A 112 19.16 -2.45 11.20
CA LYS A 112 20.24 -3.41 11.51
C LYS A 112 19.65 -4.61 12.29
N PRO A 113 20.36 -5.76 12.32
CA PRO A 113 19.93 -6.91 13.17
C PRO A 113 19.84 -6.50 14.63
N THR A 114 18.84 -7.02 15.33
CA THR A 114 18.69 -6.87 16.78
C THR A 114 18.14 -8.17 17.31
N ALA A 115 18.01 -8.31 18.62
CA ALA A 115 17.24 -9.43 19.22
C ALA A 115 15.80 -9.55 18.60
N GLU A 116 15.20 -8.44 18.17
CA GLU A 116 13.83 -8.53 17.63
C GLU A 116 13.80 -8.80 16.12
N LEU A 117 14.89 -8.47 15.42
CA LEU A 117 15.03 -8.74 13.98
C LEU A 117 16.39 -9.42 13.77
N PRO A 118 16.46 -10.74 13.98
CA PRO A 118 17.80 -11.40 14.06
C PRO A 118 18.68 -11.36 12.80
N LYS A 119 18.07 -11.07 11.66
CA LYS A 119 18.86 -10.90 10.45
C LYS A 119 18.86 -9.49 9.92
N GLY A 120 18.11 -8.60 10.59
CA GLY A 120 17.86 -7.26 10.07
C GLY A 120 16.67 -7.24 9.12
N ARG A 121 16.38 -6.05 8.57
CA ARG A 121 15.16 -5.96 7.71
C ARG A 121 15.33 -4.76 6.74
N VAL A 122 15.00 -4.94 5.46
CA VAL A 122 14.94 -3.86 4.51
C VAL A 122 13.50 -3.82 3.93
N ARG A 123 12.98 -2.62 3.65
CA ARG A 123 11.64 -2.50 3.06
C ARG A 123 11.73 -1.46 1.96
N LEU A 124 10.96 -1.66 0.88
CA LEU A 124 10.90 -0.61 -0.14
C LEU A 124 9.41 -0.31 -0.32
N TYR A 125 9.10 0.98 -0.45
CA TYR A 125 7.71 1.48 -0.54
C TYR A 125 7.62 2.31 -1.83
N VAL A 126 6.42 2.34 -2.41
CA VAL A 126 6.16 3.17 -3.58
C VAL A 126 4.88 3.95 -3.31
N ASN A 127 4.99 5.26 -3.43
CA ASN A 127 3.82 6.11 -3.24
C ASN A 127 3.17 5.85 -1.85
N GLY A 128 4.05 5.56 -0.88
CA GLY A 128 3.54 5.42 0.51
C GLY A 128 3.15 3.97 0.91
N VAL A 129 3.23 3.05 -0.05
CA VAL A 129 2.66 1.66 0.14
C VAL A 129 3.81 0.66 0.15
N LEU A 130 3.82 -0.30 1.09
CA LEU A 130 4.95 -1.28 1.18
C LEU A 130 4.88 -2.22 -0.03
N SER A 131 5.99 -2.33 -0.75
CA SER A 131 6.08 -3.21 -1.90
C SER A 131 6.65 -4.55 -1.43
N ARG A 132 7.75 -4.54 -0.69
CA ARG A 132 8.39 -5.81 -0.41
C ARG A 132 9.32 -5.65 0.78
N THR A 133 9.30 -6.66 1.63
CA THR A 133 10.18 -6.71 2.83
C THR A 133 11.21 -7.82 2.58
N SER A 134 12.46 -7.60 2.98
CA SER A 134 13.52 -8.61 2.78
C SER A 134 14.24 -8.78 4.15
N LEU A 135 14.42 -10.03 4.59
CA LEU A 135 15.04 -10.30 5.89
C LEU A 135 16.36 -10.97 5.64
N ARG A 136 16.93 -10.77 4.46
N ARG A 136 16.93 -10.77 4.45
CA ARG A 136 18.25 -11.36 4.15
CA ARG A 136 18.25 -11.35 4.16
C ARG A 136 19.39 -10.73 4.98
C ARG A 136 19.38 -10.72 5.00
N SER A 137 19.41 -9.40 5.07
CA SER A 137 20.40 -8.70 5.84
C SER A 137 19.89 -7.29 6.15
N GLY A 138 20.55 -6.61 7.09
CA GLY A 138 20.26 -5.19 7.23
C GLY A 138 21.51 -4.43 6.84
N ASN A 139 22.26 -4.96 5.88
CA ASN A 139 23.50 -4.33 5.44
C ASN A 139 23.23 -2.97 4.74
N PHE A 140 24.15 -2.02 4.84
CA PHE A 140 23.95 -0.73 4.22
C PHE A 140 25.35 -0.18 3.92
N ILE A 141 25.50 1.13 3.95
CA ILE A 141 26.78 1.75 3.44
C ILE A 141 27.96 1.44 4.32
N LYS A 142 27.69 1.27 5.62
CA LYS A 142 28.76 0.83 6.52
C LYS A 142 29.43 -0.46 6.10
N ASP A 143 28.76 -1.26 5.27
CA ASP A 143 29.25 -2.56 4.84
C ASP A 143 29.89 -2.53 3.44
N MET A 144 30.17 -1.32 2.97
N MET A 144 30.12 -1.32 2.93
CA MET A 144 30.75 -1.10 1.65
CA MET A 144 30.72 -1.10 1.63
C MET A 144 32.02 -0.26 1.82
C MET A 144 32.01 -0.26 1.82
N PRO A 145 33.17 -0.91 2.08
CA PRO A 145 34.36 -0.13 2.49
C PRO A 145 34.88 0.76 1.39
N ASP A 146 34.59 0.44 0.14
CA ASP A 146 35.19 1.13 -0.99
C ASP A 146 34.35 2.26 -1.63
N VAL A 147 33.19 2.61 -1.04
CA VAL A 147 32.33 3.63 -1.68
C VAL A 147 32.97 5.01 -1.66
N THR A 148 32.72 5.77 -2.74
CA THR A 148 33.38 7.06 -2.93
C THR A 148 32.37 8.15 -3.28
N HIS A 149 31.21 7.76 -3.83
CA HIS A 149 30.31 8.72 -4.48
C HIS A 149 28.90 8.51 -4.01
N VAL A 150 28.13 9.61 -3.94
CA VAL A 150 26.71 9.52 -3.66
C VAL A 150 26.07 10.39 -4.74
N GLN A 151 24.94 9.93 -5.31
CA GLN A 151 24.28 10.75 -6.34
C GLN A 151 22.83 10.40 -6.51
N ILE A 152 22.11 11.38 -7.05
CA ILE A 152 20.83 11.16 -7.72
C ILE A 152 21.12 10.94 -9.23
N GLY A 153 20.53 9.90 -9.84
CA GLY A 153 20.69 9.73 -11.32
C GLY A 153 21.94 8.95 -11.71
N ALA A 154 22.62 9.46 -12.74
CA ALA A 154 23.71 8.70 -13.35
C ALA A 154 24.75 8.48 -12.25
N THR A 155 25.28 7.27 -12.23
CA THR A 155 26.01 6.75 -11.10
C THR A 155 27.46 6.44 -11.48
N LYS A 156 28.41 6.93 -10.71
CA LYS A 156 29.80 6.63 -10.96
C LYS A 156 30.12 5.17 -10.62
N ARG A 157 30.55 4.36 -11.60
CA ARG A 157 31.04 2.97 -11.32
C ARG A 157 32.36 2.79 -12.04
N ALA A 158 33.44 2.52 -11.31
CA ALA A 158 34.76 2.62 -11.87
C ALA A 158 34.85 4.00 -12.51
N ASN A 159 35.43 4.09 -13.71
CA ASN A 159 35.53 5.39 -14.38
C ASN A 159 34.33 5.69 -15.33
N ASN A 160 33.25 4.89 -15.26
CA ASN A 160 32.08 5.16 -16.13
C ASN A 160 30.93 5.72 -15.30
N THR A 161 29.96 6.34 -15.99
CA THR A 161 28.82 6.89 -15.32
C THR A 161 27.63 6.27 -16.06
N VAL A 162 26.76 5.59 -15.33
CA VAL A 162 25.72 4.79 -15.98
C VAL A 162 24.37 5.07 -15.29
N TRP A 163 23.30 4.54 -15.87
CA TRP A 163 21.98 4.51 -15.23
C TRP A 163 21.37 5.88 -15.15
N GLY A 164 21.88 6.78 -15.99
CA GLY A 164 21.23 8.12 -16.13
C GLY A 164 19.78 8.14 -16.63
N SER A 165 19.08 9.22 -16.27
CA SER A 165 17.74 9.55 -16.83
C SER A 165 17.41 11.01 -16.50
N ASN A 166 16.36 11.56 -17.13
CA ASN A 166 15.90 12.92 -16.86
C ASN A 166 14.86 12.85 -15.73
N LEU A 167 15.19 13.39 -14.57
CA LEU A 167 14.25 13.37 -13.41
C LEU A 167 14.05 14.74 -12.86
N GLN A 168 12.87 15.03 -12.34
CA GLN A 168 12.73 16.23 -11.58
C GLN A 168 12.56 15.71 -10.15
N ILE A 169 13.38 16.22 -9.23
N ILE A 169 13.37 16.25 -9.24
CA ILE A 169 13.36 15.76 -7.84
CA ILE A 169 13.40 15.81 -7.84
C ILE A 169 12.83 16.84 -6.93
C ILE A 169 12.80 16.88 -6.95
N ARG A 170 11.65 16.60 -6.37
CA ARG A 170 11.00 17.57 -5.49
C ARG A 170 11.73 17.53 -4.16
N ASN A 171 12.05 16.31 -3.69
CA ASN A 171 12.68 16.13 -2.37
C ASN A 171 13.47 14.84 -2.34
N LEU A 172 14.66 14.90 -1.75
N LEU A 172 14.68 14.92 -1.78
CA LEU A 172 15.37 13.72 -1.35
CA LEU A 172 15.39 13.77 -1.31
C LEU A 172 15.76 13.93 0.12
C LEU A 172 15.67 13.98 0.16
N THR A 173 15.34 13.01 1.01
CA THR A 173 15.62 13.11 2.44
C THR A 173 16.19 11.80 2.92
N VAL A 174 17.25 11.88 3.71
CA VAL A 174 17.81 10.69 4.39
C VAL A 174 17.73 10.90 5.92
N TYR A 175 17.22 9.85 6.60
CA TYR A 175 17.09 9.92 8.07
C TYR A 175 18.02 8.89 8.68
N ASN A 176 18.45 9.10 9.93
CA ASN A 176 19.25 8.11 10.59
C ASN A 176 18.42 7.14 11.46
N ARG A 177 17.15 6.93 11.09
CA ARG A 177 16.33 5.90 11.70
C ARG A 177 15.42 5.28 10.65
N ALA A 178 14.83 4.10 10.93
CA ALA A 178 13.92 3.50 9.97
C ALA A 178 12.48 3.97 10.33
N LEU A 179 11.86 4.76 9.42
CA LEU A 179 10.43 5.06 9.53
C LEU A 179 9.59 3.78 9.55
N THR A 180 8.51 3.80 10.33
CA THR A 180 7.65 2.64 10.38
C THR A 180 6.80 2.69 9.10
N PRO A 181 6.17 1.58 8.72
CA PRO A 181 5.33 1.62 7.50
C PRO A 181 4.23 2.70 7.58
N GLU A 182 3.64 2.87 8.77
CA GLU A 182 2.61 3.90 8.97
C GLU A 182 3.20 5.29 8.80
N GLU A 183 4.40 5.49 9.35
CA GLU A 183 5.12 6.73 9.15
C GLU A 183 5.44 7.03 7.64
N VAL A 184 5.83 5.99 6.91
CA VAL A 184 6.10 6.14 5.48
C VAL A 184 4.82 6.57 4.70
N GLN A 185 3.68 5.93 4.98
CA GLN A 185 2.40 6.32 4.38
C GLN A 185 2.08 7.80 4.63
N LYS A 186 2.28 8.25 5.87
CA LYS A 186 2.08 9.65 6.23
C LYS A 186 3.12 10.59 5.53
N ARG A 187 4.37 10.13 5.41
CA ARG A 187 5.48 10.93 4.82
C ARG A 187 5.26 11.16 3.32
N SER A 188 4.45 10.30 2.70
CA SER A 188 4.36 10.30 1.24
C SER A 188 3.23 11.19 0.76
N GLY B 1 -18.44 7.58 21.31
CA GLY B 1 -19.38 6.66 20.61
C GLY B 1 -18.63 5.61 19.79
N ALA B 2 -19.37 4.68 19.20
CA ALA B 2 -18.80 3.56 18.51
C ALA B 2 -18.50 3.93 17.03
N MET B 3 -18.97 5.09 16.57
CA MET B 3 -18.69 5.44 15.13
C MET B 3 -17.22 5.84 14.92
N VAL B 4 -16.50 5.14 14.05
CA VAL B 4 -15.07 5.41 13.81
C VAL B 4 -14.70 5.99 12.42
N ILE B 5 -15.60 5.79 11.45
CA ILE B 5 -15.46 6.31 10.09
C ILE B 5 -16.87 6.75 9.68
N GLU B 6 -16.96 7.96 9.11
CA GLU B 6 -18.26 8.41 8.58
C GLU B 6 -17.98 9.22 7.28
N LYS B 7 -18.66 8.92 6.20
CA LYS B 7 -18.56 9.72 4.99
C LYS B 7 -19.98 9.94 4.51
N GLU B 8 -20.25 11.13 4.00
CA GLU B 8 -21.61 11.48 3.60
C GLU B 8 -21.58 12.13 2.23
N ASP B 9 -22.62 11.91 1.43
CA ASP B 9 -22.91 12.61 0.15
C ASP B 9 -21.71 12.61 -0.75
N VAL B 10 -21.26 11.41 -1.11
CA VAL B 10 -20.20 11.24 -2.11
C VAL B 10 -20.76 10.39 -3.25
N GLU B 11 -20.02 10.34 -4.35
CA GLU B 11 -20.48 9.67 -5.58
C GLU B 11 -19.27 9.00 -6.29
N THR B 12 -19.51 7.82 -6.87
CA THR B 12 -18.56 7.22 -7.76
C THR B 12 -19.11 7.38 -9.20
N ASN B 13 -18.25 7.88 -10.08
CA ASN B 13 -18.61 8.07 -11.46
C ASN B 13 -17.33 8.19 -12.28
N ALA B 14 -17.52 8.61 -13.53
CA ALA B 14 -16.42 8.72 -14.47
C ALA B 14 -15.31 9.69 -13.97
N SER B 15 -15.70 10.72 -13.21
CA SER B 15 -14.78 11.80 -12.81
C SER B 15 -13.76 11.31 -11.75
N ASN B 16 -14.02 10.18 -11.10
CA ASN B 16 -13.09 9.65 -10.08
C ASN B 16 -12.73 8.18 -10.27
N GLY B 17 -12.80 7.67 -11.49
CA GLY B 17 -12.49 6.23 -11.72
C GLY B 17 -13.50 5.32 -11.02
N GLN B 18 -14.70 5.86 -10.75
CA GLN B 18 -15.75 5.13 -10.02
C GLN B 18 -15.21 4.62 -8.66
N ARG B 19 -14.46 5.47 -7.98
CA ARG B 19 -13.87 5.10 -6.70
C ARG B 19 -13.83 6.26 -5.75
N VAL B 20 -14.13 6.02 -4.47
CA VAL B 20 -13.82 7.04 -3.44
C VAL B 20 -12.81 6.42 -2.51
N ASP B 21 -11.60 6.94 -2.46
CA ASP B 21 -10.59 6.31 -1.59
C ASP B 21 -10.75 6.74 -0.13
N LEU B 22 -10.64 5.82 0.79
CA LEU B 22 -10.67 6.11 2.21
C LEU B 22 -9.46 5.48 2.88
N SER B 23 -8.33 5.32 2.16
CA SER B 23 -7.23 4.50 2.69
C SER B 23 -6.55 5.11 3.92
N SER B 24 -6.70 6.43 4.15
CA SER B 24 -6.07 7.00 5.33
C SER B 24 -6.76 6.52 6.59
N GLU B 25 -7.93 5.89 6.44
CA GLU B 25 -8.67 5.33 7.56
C GLU B 25 -8.34 3.87 7.83
N LEU B 26 -7.41 3.29 7.06
CA LEU B 26 -7.14 1.89 7.23
C LEU B 26 -6.68 1.55 8.66
N ASP B 27 -5.93 2.47 9.27
CA ASP B 27 -5.41 2.14 10.59
C ASP B 27 -6.56 2.12 11.61
N LYS B 28 -7.71 2.70 11.30
CA LYS B 28 -8.83 2.52 12.27
C LYS B 28 -9.48 1.14 12.22
N LEU B 29 -9.30 0.41 11.09
CA LEU B 29 -9.98 -0.87 10.83
C LEU B 29 -9.10 -2.06 11.22
N LYS B 30 -7.76 -1.88 11.15
CA LYS B 30 -6.88 -3.02 11.31
C LYS B 30 -7.04 -3.72 12.65
N LYS B 31 -7.28 -2.95 13.72
CA LYS B 31 -7.35 -3.64 14.99
C LYS B 31 -8.73 -3.94 15.47
N LEU B 32 -9.74 -3.67 14.64
CA LEU B 32 -11.17 -3.95 15.09
C LEU B 32 -11.39 -5.41 15.34
N GLU B 33 -12.12 -5.75 16.40
CA GLU B 33 -12.58 -7.15 16.63
C GLU B 33 -14.06 -7.39 16.40
N ASN B 34 -14.89 -6.43 16.80
CA ASN B 34 -16.30 -6.40 16.47
C ASN B 34 -16.47 -5.10 15.69
N ALA B 35 -17.33 -5.14 14.71
CA ALA B 35 -17.54 -3.96 13.87
C ALA B 35 -18.87 -4.04 13.11
N THR B 36 -19.27 -2.85 12.62
CA THR B 36 -20.45 -2.76 11.77
C THR B 36 -20.02 -1.86 10.64
N VAL B 37 -20.38 -2.24 9.41
CA VAL B 37 -20.26 -1.35 8.21
C VAL B 37 -21.63 -1.14 7.64
N HIS B 38 -22.09 0.14 7.58
CA HIS B 38 -23.41 0.41 7.10
C HIS B 38 -23.32 1.39 5.95
N MET B 39 -24.03 1.11 4.84
CA MET B 39 -23.94 2.04 3.72
C MET B 39 -25.28 2.27 3.13
N GLU B 40 -25.60 3.54 2.83
CA GLU B 40 -26.88 3.91 2.25
C GLU B 40 -26.55 4.52 0.89
N PHE B 41 -27.14 3.96 -0.18
CA PHE B 41 -26.61 4.23 -1.53
C PHE B 41 -27.68 3.98 -2.60
N LYS B 42 -27.47 4.56 -3.76
CA LYS B 42 -28.39 4.33 -4.86
C LYS B 42 -27.52 3.92 -6.06
N PRO B 43 -27.63 2.65 -6.46
CA PRO B 43 -26.82 2.18 -7.61
C PRO B 43 -27.48 2.56 -8.92
N ASP B 44 -26.66 2.83 -9.94
CA ASP B 44 -27.11 3.09 -11.28
C ASP B 44 -28.02 1.95 -11.72
N ALA B 45 -29.15 2.27 -12.36
CA ALA B 45 -30.00 1.23 -12.99
C ALA B 45 -29.16 0.32 -13.93
N LYS B 46 -28.09 0.84 -14.51
CA LYS B 46 -27.28 0.05 -15.47
C LYS B 46 -26.04 -0.55 -14.84
N ALA B 47 -26.09 -0.73 -13.52
CA ALA B 47 -24.93 -1.25 -12.81
C ALA B 47 -24.57 -2.66 -13.34
N PRO B 48 -23.25 -2.96 -13.39
CA PRO B 48 -22.88 -4.32 -13.87
C PRO B 48 -23.38 -5.40 -12.91
N ALA B 49 -23.30 -6.66 -13.35
CA ALA B 49 -23.75 -7.79 -12.53
C ALA B 49 -23.02 -7.97 -11.21
N PHE B 50 -21.73 -7.61 -11.13
CA PHE B 50 -21.01 -7.59 -9.88
C PHE B 50 -20.37 -6.20 -9.69
N TYR B 51 -20.61 -5.57 -8.54
CA TYR B 51 -19.94 -4.30 -8.23
C TYR B 51 -19.73 -4.21 -6.72
N ASN B 52 -18.67 -3.51 -6.32
CA ASN B 52 -18.33 -3.41 -4.89
C ASN B 52 -19.03 -2.20 -4.26
N LEU B 53 -19.45 -2.37 -3.01
CA LEU B 53 -19.90 -1.24 -2.23
C LEU B 53 -18.73 -0.71 -1.40
N PHE B 54 -18.16 -1.53 -0.53
CA PHE B 54 -17.13 -1.11 0.41
C PHE B 54 -16.11 -2.24 0.48
N SER B 55 -14.85 -1.91 0.23
CA SER B 55 -13.82 -2.97 0.29
C SER B 55 -12.55 -2.53 1.02
N VAL B 56 -11.81 -3.53 1.46
CA VAL B 56 -10.48 -3.30 1.98
C VAL B 56 -9.62 -4.26 1.17
N SER B 57 -8.57 -3.76 0.54
CA SER B 57 -7.82 -4.59 -0.46
C SER B 57 -6.34 -4.39 -0.31
N SER B 58 -5.55 -5.12 -1.12
CA SER B 58 -4.12 -5.17 -0.93
C SER B 58 -3.43 -4.86 -2.26
N ALA B 59 -2.54 -3.88 -2.23
CA ALA B 59 -1.82 -3.61 -3.47
C ALA B 59 -0.79 -4.69 -3.87
N THR B 60 -0.44 -5.61 -2.96
CA THR B 60 0.53 -6.67 -3.31
C THR B 60 -0.07 -8.12 -3.44
N LYS B 61 -1.30 -8.28 -2.96
CA LYS B 61 -1.96 -9.60 -2.94
C LYS B 61 -3.34 -9.44 -3.58
N LYS B 62 -3.44 -9.86 -4.84
CA LYS B 62 -4.76 -9.71 -5.54
C LYS B 62 -5.91 -10.51 -4.84
N ASP B 63 -5.58 -11.56 -4.12
CA ASP B 63 -6.62 -12.45 -3.56
C ASP B 63 -6.87 -12.30 -2.11
N GLU B 64 -6.38 -11.18 -1.60
CA GLU B 64 -6.60 -10.90 -0.17
C GLU B 64 -7.35 -9.62 -0.06
N TYR B 65 -8.61 -9.70 0.38
CA TYR B 65 -9.46 -8.53 0.44
C TYR B 65 -10.72 -8.84 1.22
N PHE B 66 -11.39 -7.76 1.60
CA PHE B 66 -12.71 -7.85 2.15
C PHE B 66 -13.59 -7.05 1.19
N THR B 67 -14.82 -7.57 0.92
CA THR B 67 -15.74 -6.79 0.08
C THR B 67 -17.17 -7.02 0.53
N MET B 68 -17.95 -5.94 0.64
CA MET B 68 -19.38 -6.00 0.64
C MET B 68 -19.76 -5.62 -0.77
N ALA B 69 -20.40 -6.54 -1.51
CA ALA B 69 -20.64 -6.32 -2.92
C ALA B 69 -22.10 -6.61 -3.25
N VAL B 70 -22.44 -6.38 -4.51
CA VAL B 70 -23.80 -6.70 -4.99
C VAL B 70 -23.62 -7.50 -6.25
N TYR B 71 -24.28 -8.64 -6.34
CA TYR B 71 -23.98 -9.63 -7.35
C TYR B 71 -25.30 -10.17 -7.90
N ASN B 72 -25.59 -9.84 -9.13
CA ASN B 72 -26.97 -10.01 -9.70
C ASN B 72 -28.08 -9.47 -8.75
N ASN B 73 -27.85 -8.27 -8.23
CA ASN B 73 -28.66 -7.62 -7.18
C ASN B 73 -28.66 -8.23 -5.78
N THR B 74 -28.00 -9.36 -5.60
CA THR B 74 -27.96 -9.99 -4.24
C THR B 74 -26.83 -9.30 -3.48
N ALA B 75 -27.09 -8.83 -2.27
CA ALA B 75 -25.99 -8.35 -1.42
C ALA B 75 -25.17 -9.56 -1.00
N THR B 76 -23.86 -9.48 -1.27
CA THR B 76 -22.97 -10.57 -0.91
C THR B 76 -21.73 -10.05 -0.15
N LEU B 77 -20.82 -10.98 0.20
CA LEU B 77 -19.77 -10.68 1.09
C LEU B 77 -18.65 -11.68 0.83
N GLU B 78 -17.40 -11.20 0.84
CA GLU B 78 -16.27 -12.16 0.83
C GLU B 78 -15.20 -11.56 1.74
N GLY B 79 -14.56 -12.41 2.53
CA GLY B 79 -13.34 -11.98 3.31
C GLY B 79 -12.31 -13.04 2.98
N ARG B 80 -11.13 -12.64 2.49
CA ARG B 80 -10.11 -13.64 2.12
C ARG B 80 -8.78 -13.22 2.71
N GLY B 81 -8.05 -14.21 3.27
CA GLY B 81 -6.75 -14.00 3.88
C GLY B 81 -5.59 -14.10 2.92
N SER B 82 -4.39 -14.20 3.46
CA SER B 82 -3.22 -14.09 2.64
C SER B 82 -3.06 -15.35 1.77
N ASP B 83 -3.73 -16.44 2.17
CA ASP B 83 -3.68 -17.68 1.36
C ASP B 83 -4.77 -17.72 0.32
N GLY B 84 -5.61 -16.68 0.28
CA GLY B 84 -6.66 -16.61 -0.73
C GLY B 84 -7.94 -17.35 -0.32
N LYS B 85 -7.94 -18.04 0.83
CA LYS B 85 -9.13 -18.84 1.22
C LYS B 85 -10.21 -17.95 1.84
N GLN B 86 -11.49 -18.37 1.66
CA GLN B 86 -12.59 -17.56 2.16
C GLN B 86 -12.72 -17.71 3.67
N PHE B 87 -13.01 -16.61 4.35
CA PHE B 87 -13.21 -16.60 5.80
C PHE B 87 -14.64 -17.07 6.16
N TYR B 88 -15.63 -16.62 5.41
CA TYR B 88 -17.04 -16.80 5.78
C TYR B 88 -17.78 -17.86 4.94
N ASN B 89 -18.97 -18.25 5.39
CA ASN B 89 -19.83 -19.00 4.48
C ASN B 89 -20.15 -18.21 3.21
N ASN B 90 -20.56 -18.94 2.18
CA ASN B 90 -20.84 -18.31 0.88
C ASN B 90 -22.11 -17.39 1.08
N TYR B 91 -22.04 -16.19 0.54
CA TYR B 91 -23.18 -15.26 0.53
C TYR B 91 -23.72 -15.01 -0.85
N ASN B 92 -23.14 -15.62 -1.89
CA ASN B 92 -23.56 -15.26 -3.22
C ASN B 92 -25.02 -15.66 -3.51
N ASP B 93 -25.51 -16.67 -2.82
CA ASP B 93 -26.93 -17.08 -2.99
C ASP B 93 -27.74 -16.70 -1.77
N ALA B 94 -27.29 -15.67 -1.05
CA ALA B 94 -28.03 -15.17 0.14
C ALA B 94 -29.38 -14.60 -0.43
N PRO B 95 -30.45 -14.58 0.39
CA PRO B 95 -31.73 -14.38 -0.21
C PRO B 95 -32.07 -12.94 -0.53
N LEU B 96 -31.52 -11.94 0.20
CA LEU B 96 -32.04 -10.60 0.00
C LEU B 96 -31.40 -9.89 -1.16
N LYS B 97 -32.26 -9.14 -1.91
CA LYS B 97 -31.72 -8.42 -3.04
C LYS B 97 -31.95 -6.92 -2.84
N VAL B 98 -31.04 -6.12 -3.40
CA VAL B 98 -31.21 -4.67 -3.42
C VAL B 98 -32.33 -4.26 -4.44
N LYS B 99 -32.89 -3.07 -4.27
CA LYS B 99 -33.80 -2.54 -5.29
C LYS B 99 -33.00 -1.80 -6.38
N PRO B 100 -32.92 -2.34 -7.63
CA PRO B 100 -32.02 -1.63 -8.59
C PRO B 100 -32.44 -0.21 -8.89
N GLY B 101 -31.43 0.62 -9.10
CA GLY B 101 -31.61 2.05 -9.35
C GLY B 101 -32.48 2.79 -8.34
N GLN B 102 -32.55 2.30 -7.11
CA GLN B 102 -33.29 2.99 -6.03
C GLN B 102 -32.40 3.12 -4.78
N TRP B 103 -32.79 3.97 -3.85
CA TRP B 103 -32.07 4.03 -2.56
C TRP B 103 -32.17 2.75 -1.75
N ASN B 104 -31.06 2.30 -1.14
CA ASN B 104 -31.03 1.01 -0.43
C ASN B 104 -30.09 1.21 0.76
N SER B 105 -30.17 0.37 1.77
CA SER B 105 -29.01 0.23 2.67
C SER B 105 -28.52 -1.24 2.66
N VAL B 106 -27.24 -1.42 2.93
CA VAL B 106 -26.64 -2.75 3.21
C VAL B 106 -25.80 -2.59 4.47
N THR B 107 -25.94 -3.55 5.37
CA THR B 107 -25.17 -3.46 6.65
C THR B 107 -24.47 -4.80 6.84
N PHE B 108 -23.19 -4.77 7.26
CA PHE B 108 -22.43 -5.97 7.61
C PHE B 108 -22.07 -5.83 9.10
N THR B 109 -22.14 -6.91 9.84
CA THR B 109 -21.59 -6.94 11.23
C THR B 109 -20.66 -8.14 11.37
N VAL B 110 -19.67 -8.01 12.26
CA VAL B 110 -18.81 -9.12 12.52
C VAL B 110 -18.59 -9.11 14.01
N GLU B 111 -18.64 -10.28 14.63
CA GLU B 111 -18.44 -10.45 16.09
C GLU B 111 -17.32 -11.46 16.26
N LYS B 112 -16.27 -11.15 17.02
CA LYS B 112 -15.19 -12.10 17.20
C LYS B 112 -15.74 -13.31 18.02
N PRO B 113 -15.05 -14.45 17.98
CA PRO B 113 -15.52 -15.59 18.82
C PRO B 113 -15.50 -15.18 20.31
N THR B 114 -16.48 -15.69 21.05
CA THR B 114 -16.60 -15.53 22.52
C THR B 114 -17.26 -16.82 23.08
N ALA B 115 -17.42 -16.92 24.39
CA ALA B 115 -18.21 -18.05 24.96
C ALA B 115 -19.63 -18.11 24.36
N GLU B 116 -20.22 -17.00 23.98
CA GLU B 116 -21.62 -16.99 23.45
C GLU B 116 -21.66 -17.30 21.97
N LEU B 117 -20.55 -17.08 21.29
CA LEU B 117 -20.43 -17.35 19.84
C LEU B 117 -19.07 -18.08 19.54
N PRO B 118 -18.98 -19.41 19.78
CA PRO B 118 -17.64 -20.07 19.88
C PRO B 118 -16.80 -20.05 18.60
N LYS B 119 -17.43 -19.75 17.44
CA LYS B 119 -16.72 -19.62 16.18
C LYS B 119 -16.72 -18.21 15.61
N GLY B 120 -17.41 -17.32 16.31
CA GLY B 120 -17.62 -15.96 15.81
C GLY B 120 -18.90 -15.95 14.95
N ARG B 121 -19.27 -14.75 14.48
CA ARG B 121 -20.54 -14.60 13.73
C ARG B 121 -20.43 -13.39 12.79
N VAL B 122 -20.84 -13.59 11.53
CA VAL B 122 -20.98 -12.51 10.60
C VAL B 122 -22.48 -12.44 10.18
N ARG B 123 -22.99 -11.23 9.97
CA ARG B 123 -24.36 -11.04 9.42
C ARG B 123 -24.32 -10.00 8.30
N LEU B 124 -25.23 -10.15 7.35
CA LEU B 124 -25.40 -9.17 6.29
C LEU B 124 -26.90 -8.86 6.22
N TYR B 125 -27.21 -7.56 6.13
CA TYR B 125 -28.61 -7.10 6.09
C TYR B 125 -28.81 -6.24 4.88
N VAL B 126 -30.04 -6.26 4.38
CA VAL B 126 -30.38 -5.43 3.22
C VAL B 126 -31.64 -4.63 3.59
N ASN B 127 -31.55 -3.31 3.53
CA ASN B 127 -32.72 -2.51 3.88
C ASN B 127 -33.27 -2.82 5.28
N GLY B 128 -32.35 -3.07 6.21
CA GLY B 128 -32.74 -3.19 7.61
C GLY B 128 -33.09 -4.62 7.96
N VAL B 129 -33.10 -5.53 6.97
CA VAL B 129 -33.64 -6.87 7.15
C VAL B 129 -32.48 -7.88 7.10
N LEU B 130 -32.47 -8.85 8.03
CA LEU B 130 -31.35 -9.85 8.05
C LEU B 130 -31.43 -10.84 6.87
N SER B 131 -30.37 -10.90 6.06
CA SER B 131 -30.34 -11.77 4.91
C SER B 131 -29.76 -13.14 5.27
N ARG B 132 -28.59 -13.15 5.92
CA ARG B 132 -27.95 -14.45 6.25
C ARG B 132 -26.97 -14.24 7.39
N THR B 133 -26.96 -15.22 8.30
CA THR B 133 -25.96 -15.30 9.39
C THR B 133 -24.95 -16.40 9.06
N SER B 134 -23.67 -16.18 9.30
CA SER B 134 -22.62 -17.16 8.99
C SER B 134 -21.84 -17.36 10.27
N LEU B 135 -21.71 -18.62 10.72
CA LEU B 135 -21.03 -18.87 11.98
C LEU B 135 -19.68 -19.61 11.75
N ARG B 136 -19.12 -19.46 10.58
N ARG B 136 -19.12 -19.41 10.58
CA ARG B 136 -17.85 -20.17 10.31
CA ARG B 136 -17.88 -20.05 10.17
C ARG B 136 -16.66 -19.41 10.92
C ARG B 136 -16.69 -19.40 10.88
N SER B 137 -16.75 -18.07 10.96
CA SER B 137 -15.63 -17.30 11.47
C SER B 137 -16.04 -15.89 11.82
N GLY B 138 -15.24 -15.24 12.69
CA GLY B 138 -15.44 -13.80 13.01
C GLY B 138 -14.28 -12.99 12.44
N ASN B 139 -13.54 -13.56 11.48
CA ASN B 139 -12.35 -12.88 10.93
C ASN B 139 -12.71 -11.52 10.27
N PHE B 140 -11.74 -10.58 10.26
CA PHE B 140 -11.98 -9.26 9.63
C PHE B 140 -10.61 -8.75 9.22
N ILE B 141 -10.38 -7.44 9.30
CA ILE B 141 -9.23 -6.81 8.62
C ILE B 141 -7.98 -7.19 9.40
N LYS B 142 -8.15 -7.40 10.71
CA LYS B 142 -7.03 -7.81 11.55
C LYS B 142 -6.36 -9.09 11.06
N ASP B 143 -7.10 -9.86 10.28
CA ASP B 143 -6.65 -11.14 9.79
C ASP B 143 -6.16 -11.08 8.32
N MET B 144 -5.95 -9.86 7.84
CA MET B 144 -5.50 -9.62 6.50
C MET B 144 -4.18 -8.81 6.56
N PRO B 145 -3.04 -9.48 6.71
CA PRO B 145 -1.83 -8.73 7.01
C PRO B 145 -1.36 -7.74 5.95
N ASP B 146 -1.78 -7.93 4.68
CA ASP B 146 -1.21 -7.26 3.57
C ASP B 146 -2.16 -6.21 3.01
N VAL B 147 -3.24 -5.88 3.72
CA VAL B 147 -4.16 -4.87 3.14
C VAL B 147 -3.51 -3.48 3.17
N THR B 148 -3.87 -2.66 2.17
CA THR B 148 -3.24 -1.39 2.01
C THR B 148 -4.25 -0.32 1.63
N HIS B 149 -5.44 -0.69 1.19
CA HIS B 149 -6.39 0.28 0.61
C HIS B 149 -7.76 0.06 1.14
N VAL B 150 -8.50 1.15 1.28
CA VAL B 150 -9.95 1.08 1.61
C VAL B 150 -10.67 1.96 0.59
N GLN B 151 -11.79 1.47 0.04
CA GLN B 151 -12.50 2.34 -0.92
C GLN B 151 -13.99 1.99 -0.92
N ILE B 152 -14.78 2.99 -1.32
CA ILE B 152 -16.09 2.78 -1.88
C ILE B 152 -15.93 2.60 -3.43
N GLY B 153 -16.56 1.58 -4.00
CA GLY B 153 -16.57 1.43 -5.45
C GLY B 153 -15.38 0.65 -6.01
N ALA B 154 -14.79 1.15 -7.09
CA ALA B 154 -13.74 0.38 -7.74
C ALA B 154 -12.60 0.14 -6.79
N THR B 155 -11.99 -1.04 -6.92
CA THR B 155 -11.12 -1.59 -5.86
C THR B 155 -9.77 -1.91 -6.43
N LYS B 156 -8.72 -1.48 -5.74
CA LYS B 156 -7.38 -1.70 -6.21
C LYS B 156 -6.97 -3.13 -5.76
N ARG B 157 -6.69 -4.05 -6.68
CA ARG B 157 -6.25 -5.44 -6.34
C ARG B 157 -4.98 -5.71 -7.10
N ALA B 158 -3.83 -5.77 -6.40
CA ALA B 158 -2.55 -5.74 -7.13
C ALA B 158 -2.58 -4.46 -7.97
N ASN B 159 -2.23 -4.56 -9.24
CA ASN B 159 -2.08 -3.36 -10.05
C ASN B 159 -3.25 -3.15 -11.00
N ASN B 160 -4.36 -3.83 -10.69
CA ASN B 160 -5.68 -3.65 -11.39
C ASN B 160 -6.65 -2.91 -10.51
N THR B 161 -7.62 -2.24 -11.13
CA THR B 161 -8.71 -1.63 -10.36
C THR B 161 -9.96 -2.24 -10.99
N VAL B 162 -10.82 -2.87 -10.19
CA VAL B 162 -11.96 -3.64 -10.73
C VAL B 162 -13.23 -3.33 -9.84
N TRP B 163 -14.42 -3.80 -10.27
CA TRP B 163 -15.63 -3.77 -9.43
C TRP B 163 -16.25 -2.44 -9.39
N GLY B 164 -15.86 -1.56 -10.31
CA GLY B 164 -16.39 -0.20 -10.29
C GLY B 164 -17.86 -0.15 -10.74
N SER B 165 -18.57 0.92 -10.36
CA SER B 165 -19.97 1.18 -10.83
C SER B 165 -20.28 2.65 -10.44
N ASN B 166 -21.38 3.15 -10.97
CA ASN B 166 -21.87 4.52 -10.65
C ASN B 166 -22.79 4.47 -9.44
N LEU B 167 -22.35 4.99 -8.29
CA LEU B 167 -23.18 4.93 -7.07
C LEU B 167 -23.30 6.35 -6.54
N GLN B 168 -24.47 6.67 -6.01
CA GLN B 168 -24.59 7.80 -5.11
C GLN B 168 -24.54 7.27 -3.69
N ILE B 169 -23.66 7.84 -2.83
CA ILE B 169 -23.56 7.34 -1.44
C ILE B 169 -24.08 8.36 -0.48
N ARG B 170 -25.20 8.10 0.20
CA ARG B 170 -25.73 9.11 1.12
C ARG B 170 -24.92 9.00 2.42
N ASN B 171 -24.62 7.76 2.88
CA ASN B 171 -23.87 7.64 4.09
C ASN B 171 -23.06 6.32 4.08
N LEU B 172 -21.81 6.37 4.57
N LEU B 172 -21.81 6.39 4.55
CA LEU B 172 -21.05 5.14 4.95
CA LEU B 172 -21.07 5.18 4.97
C LEU B 172 -20.59 5.35 6.38
C LEU B 172 -20.76 5.46 6.44
N THR B 173 -21.00 4.47 7.31
CA THR B 173 -20.54 4.56 8.67
C THR B 173 -19.94 3.23 9.08
N VAL B 174 -18.79 3.31 9.81
CA VAL B 174 -18.16 2.09 10.36
C VAL B 174 -18.15 2.30 11.85
N TYR B 175 -18.65 1.29 12.58
CA TYR B 175 -18.70 1.31 14.06
C TYR B 175 -17.74 0.24 14.64
N ASN B 176 -17.22 0.50 15.85
CA ASN B 176 -16.29 -0.46 16.49
C ASN B 176 -17.03 -1.48 17.39
N ARG B 177 -18.33 -1.67 17.15
CA ARG B 177 -19.09 -2.80 17.73
C ARG B 177 -20.10 -3.37 16.72
N ALA B 178 -20.62 -4.57 17.00
CA ALA B 178 -21.64 -5.18 16.09
C ALA B 178 -23.04 -4.68 16.60
N LEU B 179 -23.73 -3.92 15.77
CA LEU B 179 -25.10 -3.55 16.09
C LEU B 179 -25.96 -4.81 16.04
N THR B 180 -26.94 -4.90 16.96
CA THR B 180 -27.84 -6.09 16.97
C THR B 180 -28.79 -5.97 15.75
N PRO B 181 -29.49 -7.08 15.40
CA PRO B 181 -30.49 -6.99 14.32
C PRO B 181 -31.46 -5.87 14.58
N GLU B 182 -31.86 -5.69 15.83
CA GLU B 182 -32.88 -4.63 16.13
C GLU B 182 -32.29 -3.23 15.87
N GLU B 183 -31.02 -3.06 16.26
CA GLU B 183 -30.34 -1.76 16.07
C GLU B 183 -30.10 -1.47 14.56
N VAL B 184 -29.77 -2.52 13.80
CA VAL B 184 -29.60 -2.37 12.35
C VAL B 184 -30.93 -1.92 11.76
N GLN B 185 -32.02 -2.57 12.15
CA GLN B 185 -33.32 -2.18 11.60
C GLN B 185 -33.64 -0.72 11.87
N LYS B 186 -33.37 -0.31 13.12
CA LYS B 186 -33.64 1.10 13.55
C LYS B 186 -32.71 2.05 12.72
N ARG B 187 -31.48 1.63 12.49
CA ARG B 187 -30.44 2.43 11.74
C ARG B 187 -30.77 2.56 10.22
N SER B 188 -31.59 1.64 9.68
CA SER B 188 -31.87 1.57 8.20
C SER B 188 -33.08 2.32 7.66
#